data_6SDT
#
_entry.id   6SDT
#
_cell.length_a   66.280
_cell.length_b   89.360
_cell.length_c   44.165
_cell.angle_alpha   90.000
_cell.angle_beta   90.000
_cell.angle_gamma   90.000
#
_symmetry.space_group_name_H-M   'P 21 21 2'
#
loop_
_entity.id
_entity.type
_entity.pdbx_description
1 polymer 'Carbonic anhydrase 7'
2 non-polymer 'ZINC ION'
3 non-polymer 'phenyl-(4-sulfamoylphenoxy)phosphinic acid'
4 water water
#
_entity_poly.entity_id   1
_entity_poly.type   'polypeptide(L)'
_entity_poly.pdbx_seq_one_letter_code
;MGMTGHHGWGYGQDDGPSHWHKLYPIAQGDRQSPINIISSQAVYSPSLQPLELSYEACMSLSITNNGHSVQVDFNDSDDR
TVVTGGPLEGPYRLKQFHFHWGKKHDVGSEHTVDGKSFPSELHLVHWNAKKYSTFGEAASAPDGLAVVGVFLETGDEHPS
MNRLTDALYMVRFKGTKAQFSCFNPKSLLPASRHYWTYPGSLTTPPLSESVTWIVLREPISISERQMGKFRSLLFTSEDD
ERIHMVNNFRPPQPLKGRVVKASFRALEHHHHHH
;
_entity_poly.pdbx_strand_id   A
#
loop_
_chem_comp.id
_chem_comp.type
_chem_comp.name
_chem_comp.formula
L8N non-polymer 'phenyl-(4-sulfamoylphenoxy)phosphinic acid' 'C12 H12 N O5 P S'
ZN non-polymer 'ZINC ION' 'Zn 2'
#
# COMPACT_ATOMS: atom_id res chain seq x y z
N GLY A 8 -15.53 12.97 -4.67
CA GLY A 8 -16.35 12.41 -5.77
C GLY A 8 -15.98 10.97 -6.11
N TRP A 9 -15.09 10.32 -5.34
CA TRP A 9 -14.68 8.97 -5.68
C TRP A 9 -14.72 8.09 -4.43
N GLY A 10 -14.88 6.77 -4.63
CA GLY A 10 -14.87 5.84 -3.52
C GLY A 10 -14.77 4.42 -4.05
N TYR A 11 -15.38 3.49 -3.32
CA TYR A 11 -15.41 2.10 -3.73
C TYR A 11 -16.84 1.56 -3.77
N GLY A 12 -17.85 2.46 -3.85
CA GLY A 12 -19.25 2.06 -3.94
C GLY A 12 -19.67 1.65 -5.36
N GLN A 13 -20.97 1.30 -5.55
CA GLN A 13 -21.44 0.93 -6.88
C GLN A 13 -21.43 2.11 -7.85
N ASP A 14 -21.60 3.34 -7.35
CA ASP A 14 -21.69 4.48 -8.24
C ASP A 14 -20.36 5.22 -8.41
N ASP A 15 -19.41 5.09 -7.46
CA ASP A 15 -18.25 5.95 -7.53
C ASP A 15 -16.94 5.15 -7.46
N GLY A 16 -17.06 3.83 -7.68
CA GLY A 16 -15.96 2.86 -7.61
C GLY A 16 -14.93 2.95 -8.74
N PRO A 17 -13.86 2.12 -8.66
CA PRO A 17 -12.79 2.10 -9.67
C PRO A 17 -13.16 2.06 -11.18
N SER A 18 -14.27 1.40 -11.54
CA SER A 18 -14.69 1.33 -12.93
C SER A 18 -15.09 2.70 -13.46
N HIS A 19 -15.37 3.67 -12.56
CA HIS A 19 -15.89 4.96 -12.94
C HIS A 19 -14.86 6.09 -12.74
N TRP A 20 -13.71 5.77 -12.10
CA TRP A 20 -12.77 6.82 -11.76
C TRP A 20 -12.32 7.59 -13.01
N HIS A 21 -12.15 6.89 -14.15
CA HIS A 21 -11.64 7.53 -15.38
C HIS A 21 -12.51 8.72 -15.77
N LYS A 22 -13.75 8.76 -15.32
CA LYS A 22 -14.66 9.82 -15.73
C LYS A 22 -14.21 11.12 -15.09
N LEU A 23 -13.45 11.03 -13.99
CA LEU A 23 -12.95 12.20 -13.26
C LEU A 23 -11.45 12.39 -13.47
N TYR A 24 -10.67 11.29 -13.50
CA TYR A 24 -9.23 11.27 -13.67
C TYR A 24 -8.88 10.44 -14.90
N PRO A 25 -8.80 11.11 -16.06
CA PRO A 25 -8.47 10.42 -17.31
C PRO A 25 -7.21 9.56 -17.30
N ILE A 26 -6.23 9.92 -16.47
CA ILE A 26 -4.99 9.14 -16.37
C ILE A 26 -5.32 7.71 -15.89
N ALA A 27 -6.52 7.50 -15.35
CA ALA A 27 -6.96 6.15 -14.97
C ALA A 27 -6.76 5.15 -16.11
N GLN A 28 -6.77 5.64 -17.36
CA GLN A 28 -6.65 4.80 -18.54
C GLN A 28 -5.28 4.93 -19.18
N GLY A 29 -4.27 5.34 -18.40
CA GLY A 29 -2.92 5.61 -18.90
C GLY A 29 -2.07 4.36 -19.12
N ASP A 30 -0.80 4.59 -19.48
CA ASP A 30 0.13 3.53 -19.84
C ASP A 30 0.92 2.98 -18.65
N ARG A 31 0.84 3.64 -17.47
CA ARG A 31 1.53 3.06 -16.33
C ARG A 31 0.63 2.98 -15.09
N GLN A 32 -0.54 2.34 -15.19
CA GLN A 32 -1.48 2.35 -14.08
C GLN A 32 -1.21 1.13 -13.20
N SER A 33 -1.58 1.26 -11.92
CA SER A 33 -1.38 0.21 -10.94
C SER A 33 -2.73 -0.03 -10.31
N PRO A 34 -3.01 -1.21 -9.70
CA PRO A 34 -2.05 -2.32 -9.59
C PRO A 34 -2.07 -3.13 -10.89
N ILE A 35 -1.34 -4.25 -10.88
CA ILE A 35 -1.25 -5.18 -12.00
C ILE A 35 -1.38 -6.61 -11.46
N ASN A 36 -1.63 -7.53 -12.41
CA ASN A 36 -1.49 -8.96 -12.22
C ASN A 36 -0.05 -9.31 -12.55
N ILE A 37 0.69 -9.84 -11.56
CA ILE A 37 2.08 -10.23 -11.72
C ILE A 37 2.07 -11.69 -12.19
N ILE A 38 2.56 -11.94 -13.41
CA ILE A 38 2.63 -13.29 -13.96
C ILE A 38 4.07 -13.73 -13.73
N SER A 39 4.25 -14.58 -12.72
CA SER A 39 5.57 -14.80 -12.14
C SER A 39 6.58 -15.30 -13.17
N SER A 40 6.13 -16.19 -14.08
CA SER A 40 6.91 -16.79 -15.15
C SER A 40 7.29 -15.76 -16.17
N GLN A 41 6.56 -14.62 -16.19
CA GLN A 41 6.91 -13.62 -17.17
C GLN A 41 7.76 -12.52 -16.57
N ALA A 42 8.03 -12.57 -15.26
CA ALA A 42 8.87 -11.54 -14.65
C ALA A 42 10.32 -11.77 -15.06
N VAL A 43 11.12 -10.69 -15.20
CA VAL A 43 12.49 -10.85 -15.67
C VAL A 43 13.45 -10.82 -14.46
N TYR A 44 14.12 -11.96 -14.16
CA TYR A 44 15.16 -11.97 -13.13
C TYR A 44 16.21 -10.90 -13.46
N SER A 45 16.43 -9.93 -12.55
CA SER A 45 17.37 -8.84 -12.81
C SER A 45 18.43 -8.82 -11.71
N PRO A 46 19.53 -9.61 -11.85
CA PRO A 46 20.54 -9.72 -10.82
C PRO A 46 21.40 -8.49 -10.57
N SER A 47 21.33 -7.47 -11.44
CA SER A 47 22.12 -6.27 -11.21
C SER A 47 21.47 -5.36 -10.17
N LEU A 48 20.18 -5.58 -9.87
CA LEU A 48 19.52 -4.73 -8.90
C LEU A 48 20.26 -4.81 -7.56
N GLN A 49 20.30 -3.70 -6.81
CA GLN A 49 20.92 -3.65 -5.49
C GLN A 49 20.01 -4.35 -4.48
N PRO A 50 20.53 -4.75 -3.27
CA PRO A 50 19.70 -5.37 -2.25
C PRO A 50 18.74 -4.30 -1.73
N LEU A 51 17.51 -4.73 -1.49
CA LEU A 51 16.50 -3.81 -1.03
C LEU A 51 16.68 -3.69 0.49
N GLU A 52 16.78 -2.47 1.00
CA GLU A 52 16.85 -2.33 2.44
C GLU A 52 15.74 -1.40 2.93
N LEU A 53 15.02 -1.86 3.95
CA LEU A 53 14.07 -1.04 4.63
C LEU A 53 14.68 -0.70 5.99
N SER A 54 15.20 0.53 6.12
CA SER A 54 15.84 1.00 7.34
C SER A 54 14.87 1.89 8.10
N TYR A 55 14.17 1.24 9.04
CA TYR A 55 13.05 1.82 9.74
C TYR A 55 13.38 1.93 11.24
N GLU A 56 13.15 3.11 11.82
CA GLU A 56 13.34 3.34 13.25
C GLU A 56 12.04 3.03 14.00
N ALA A 57 12.14 2.90 15.33
CA ALA A 57 11.04 2.36 16.13
C ALA A 57 10.00 3.42 16.49
N CYS A 58 10.38 4.70 16.54
CA CYS A 58 9.47 5.69 17.11
C CYS A 58 9.41 6.91 16.19
N MET A 59 8.96 6.69 14.93
CA MET A 59 8.79 7.76 13.96
C MET A 59 7.31 7.91 13.61
N SER A 60 6.44 7.02 14.14
CA SER A 60 5.00 7.08 13.83
C SER A 60 4.36 8.23 14.60
N LEU A 61 3.33 8.84 14.01
CA LEU A 61 2.67 9.98 14.63
C LEU A 61 1.23 9.62 15.04
N SER A 62 0.43 9.11 14.10
CA SER A 62 -1.00 8.96 14.33
C SER A 62 -1.58 7.91 13.39
N ILE A 63 -2.82 7.54 13.68
CA ILE A 63 -3.58 6.60 12.89
C ILE A 63 -4.89 7.29 12.55
N THR A 64 -5.29 7.23 11.27
CA THR A 64 -6.41 8.06 10.82
C THR A 64 -7.30 7.23 9.89
N ASN A 65 -8.63 7.32 10.09
CA ASN A 65 -9.59 6.79 9.12
C ASN A 65 -9.92 7.96 8.19
N ASN A 66 -9.40 7.95 6.96
CA ASN A 66 -9.57 9.07 6.03
C ASN A 66 -10.73 8.84 5.06
N GLY A 67 -11.60 7.84 5.31
CA GLY A 67 -12.72 7.61 4.39
C GLY A 67 -12.38 6.55 3.33
N HIS A 68 -11.08 6.33 3.05
CA HIS A 68 -10.77 5.33 2.02
C HIS A 68 -9.89 4.21 2.58
N SER A 69 -9.18 4.45 3.68
CA SER A 69 -8.42 3.38 4.31
C SER A 69 -8.18 3.81 5.76
N VAL A 70 -7.46 2.99 6.55
CA VAL A 70 -6.80 3.48 7.75
C VAL A 70 -5.31 3.72 7.43
N GLN A 71 -4.76 4.87 7.84
CA GLN A 71 -3.41 5.28 7.47
C GLN A 71 -2.64 5.72 8.72
N VAL A 72 -1.38 5.28 8.80
CA VAL A 72 -0.47 5.60 9.88
C VAL A 72 0.56 6.56 9.28
N ASP A 73 0.63 7.78 9.81
CA ASP A 73 1.55 8.76 9.24
C ASP A 73 2.84 8.82 10.04
N PHE A 74 3.94 9.25 9.39
CA PHE A 74 5.27 9.23 9.97
C PHE A 74 5.89 10.62 9.90
N ASN A 75 6.72 10.92 10.87
CA ASN A 75 7.62 12.07 10.80
C ASN A 75 8.60 11.76 9.66
N ASP A 76 8.57 12.57 8.60
CA ASP A 76 9.44 12.35 7.45
C ASP A 76 10.35 13.57 7.26
N SER A 77 10.73 14.24 8.36
CA SER A 77 11.55 15.43 8.13
C SER A 77 13.04 15.12 8.14
N ASP A 78 13.44 13.86 8.33
CA ASP A 78 14.84 13.51 8.10
C ASP A 78 14.88 12.18 7.37
N ASP A 79 16.09 11.61 7.19
CA ASP A 79 16.27 10.38 6.43
C ASP A 79 16.49 9.15 7.34
N ARG A 80 15.70 9.01 8.42
CA ARG A 80 15.86 7.94 9.39
C ARG A 80 14.90 6.77 9.16
N THR A 81 13.86 6.94 8.33
CA THR A 81 12.98 5.83 8.02
C THR A 81 12.84 5.72 6.51
N VAL A 82 13.67 4.88 5.87
CA VAL A 82 13.84 5.03 4.43
C VAL A 82 13.83 3.65 3.79
N VAL A 83 13.47 3.64 2.51
CA VAL A 83 13.74 2.46 1.70
C VAL A 83 14.89 2.86 0.77
N THR A 84 15.78 1.89 0.51
CA THR A 84 16.86 2.13 -0.43
C THR A 84 17.21 0.82 -1.13
N GLY A 85 18.00 0.92 -2.21
CA GLY A 85 18.43 -0.24 -2.99
C GLY A 85 17.32 -0.79 -3.89
N GLY A 86 17.48 -2.07 -4.26
CA GLY A 86 16.60 -2.65 -5.27
C GLY A 86 16.64 -1.82 -6.56
N PRO A 87 15.50 -1.33 -7.09
CA PRO A 87 15.52 -0.47 -8.28
C PRO A 87 15.74 1.02 -8.01
N LEU A 88 15.90 1.43 -6.76
CA LEU A 88 15.89 2.84 -6.43
C LEU A 88 17.29 3.41 -6.51
N GLU A 89 17.39 4.66 -6.96
CA GLU A 89 18.70 5.26 -7.16
C GLU A 89 19.23 5.92 -5.89
N GLY A 90 18.37 6.07 -4.88
CA GLY A 90 18.78 6.69 -3.63
C GLY A 90 17.65 6.50 -2.62
N PRO A 91 17.73 7.03 -1.38
CA PRO A 91 16.72 6.75 -0.36
C PRO A 91 15.43 7.53 -0.55
N TYR A 92 14.31 6.88 -0.17
CA TYR A 92 12.97 7.45 -0.22
C TYR A 92 12.42 7.36 1.22
N ARG A 93 11.94 8.47 1.80
CA ARG A 93 11.51 8.55 3.18
C ARG A 93 10.06 8.07 3.33
N LEU A 94 9.78 7.30 4.38
CA LEU A 94 8.43 6.80 4.61
C LEU A 94 7.54 7.96 5.06
N LYS A 95 6.41 8.17 4.37
CA LYS A 95 5.46 9.20 4.75
C LYS A 95 4.30 8.57 5.51
N GLN A 96 3.88 7.38 5.07
CA GLN A 96 2.68 6.79 5.63
C GLN A 96 2.55 5.35 5.15
N PHE A 97 1.79 4.56 5.90
CA PHE A 97 1.36 3.27 5.37
C PHE A 97 -0.16 3.16 5.56
N HIS A 98 -0.79 2.30 4.78
CA HIS A 98 -2.22 2.05 4.85
C HIS A 98 -2.49 0.68 4.21
N PHE A 99 -3.79 0.28 4.16
CA PHE A 99 -4.12 -1.07 3.73
C PHE A 99 -5.30 -1.06 2.76
N HIS A 100 -5.42 -2.16 1.99
CA HIS A 100 -6.62 -2.37 1.18
C HIS A 100 -7.07 -3.77 1.53
N TRP A 101 -8.38 -3.99 1.66
CA TRP A 101 -8.78 -5.33 2.06
C TRP A 101 -10.19 -5.62 1.51
N GLY A 102 -10.63 -6.86 1.67
CA GLY A 102 -11.90 -7.29 1.10
C GLY A 102 -13.00 -7.47 2.15
N LYS A 103 -14.21 -7.73 1.63
CA LYS A 103 -15.40 -8.04 2.40
C LYS A 103 -15.32 -9.52 2.79
N LYS A 104 -15.00 -10.36 1.80
CA LYS A 104 -14.81 -11.78 2.06
C LYS A 104 -13.32 -12.10 2.04
N HIS A 105 -13.02 -13.30 2.56
CA HIS A 105 -11.71 -13.82 2.90
C HIS A 105 -10.73 -13.92 1.72
N ASP A 106 -11.22 -13.94 0.48
CA ASP A 106 -10.36 -14.31 -0.64
C ASP A 106 -10.14 -13.17 -1.63
N VAL A 107 -10.53 -11.95 -1.26
CA VAL A 107 -10.20 -10.83 -2.12
C VAL A 107 -9.73 -9.69 -1.22
N GLY A 108 -9.22 -8.64 -1.84
CA GLY A 108 -8.96 -7.46 -1.03
C GLY A 108 -7.62 -6.86 -1.40
N SER A 109 -6.67 -7.71 -1.88
CA SER A 109 -5.41 -7.16 -2.36
C SER A 109 -5.65 -6.44 -3.69
N GLU A 110 -4.74 -5.54 -4.04
CA GLU A 110 -4.76 -4.77 -5.27
C GLU A 110 -3.90 -5.54 -6.28
N HIS A 111 -2.63 -5.76 -5.94
CA HIS A 111 -1.85 -6.61 -6.83
C HIS A 111 -2.38 -8.03 -6.70
N THR A 112 -2.25 -8.80 -7.78
CA THR A 112 -2.50 -10.24 -7.75
C THR A 112 -1.27 -10.92 -8.31
N VAL A 113 -1.10 -12.21 -7.97
CA VAL A 113 0.02 -12.96 -8.50
C VAL A 113 -0.53 -14.18 -9.23
N ASP A 114 -0.22 -14.30 -10.51
CA ASP A 114 -0.71 -15.42 -11.31
C ASP A 114 -2.22 -15.53 -11.13
N GLY A 115 -2.88 -14.36 -11.01
CA GLY A 115 -4.32 -14.29 -10.86
C GLY A 115 -4.83 -14.45 -9.42
N LYS A 116 -3.95 -14.71 -8.45
CA LYS A 116 -4.38 -14.94 -7.08
C LYS A 116 -4.35 -13.63 -6.28
N SER A 117 -5.45 -13.39 -5.55
CA SER A 117 -5.62 -12.29 -4.61
C SER A 117 -5.35 -12.78 -3.20
N PHE A 118 -5.03 -11.83 -2.31
CA PHE A 118 -4.85 -12.01 -0.88
C PHE A 118 -5.94 -11.25 -0.17
N PRO A 119 -6.29 -11.56 1.09
CA PRO A 119 -7.31 -10.82 1.83
C PRO A 119 -7.04 -9.33 2.06
N SER A 120 -5.75 -8.98 2.10
CA SER A 120 -5.33 -7.59 2.29
C SER A 120 -3.93 -7.33 1.72
N GLU A 121 -3.62 -6.05 1.47
CA GLU A 121 -2.34 -5.62 0.96
C GLU A 121 -1.98 -4.35 1.74
N LEU A 122 -0.75 -4.34 2.26
CA LEU A 122 -0.24 -3.18 2.97
C LEU A 122 0.60 -2.36 1.98
N HIS A 123 0.48 -1.02 2.06
CA HIS A 123 1.31 -0.14 1.26
C HIS A 123 2.11 0.81 2.16
N LEU A 124 3.42 0.72 2.03
CA LEU A 124 4.33 1.61 2.74
C LEU A 124 4.82 2.57 1.67
N VAL A 125 4.48 3.84 1.90
CA VAL A 125 4.51 4.87 0.87
C VAL A 125 5.68 5.79 1.16
N HIS A 126 6.62 5.89 0.22
CA HIS A 126 7.87 6.62 0.41
C HIS A 126 8.03 7.63 -0.72
N TRP A 127 8.70 8.75 -0.41
CA TRP A 127 8.87 9.81 -1.40
C TRP A 127 10.34 10.20 -1.48
N ASN A 128 10.67 10.83 -2.61
CA ASN A 128 12.03 11.24 -2.93
C ASN A 128 12.28 12.66 -2.41
N ALA A 129 12.47 12.79 -1.09
CA ALA A 129 12.62 14.09 -0.44
C ALA A 129 13.97 14.72 -0.72
N LYS A 130 14.87 13.96 -1.33
CA LYS A 130 16.19 14.54 -1.60
C LYS A 130 16.05 15.37 -2.88
N LYS A 131 15.01 15.10 -3.66
CA LYS A 131 14.83 15.75 -4.95
C LYS A 131 13.68 16.75 -4.92
N TYR A 132 12.60 16.43 -4.19
CA TYR A 132 11.38 17.22 -4.20
C TYR A 132 11.17 17.83 -2.83
N SER A 133 10.49 18.99 -2.81
CA SER A 133 10.39 19.65 -1.53
C SER A 133 9.17 19.18 -0.74
N THR A 134 8.19 18.54 -1.39
CA THR A 134 7.00 18.10 -0.67
C THR A 134 6.55 16.73 -1.19
N PHE A 135 5.84 15.98 -0.36
CA PHE A 135 5.24 14.73 -0.83
C PHE A 135 4.40 15.00 -2.10
N GLY A 136 3.53 16.02 -2.07
CA GLY A 136 2.69 16.36 -3.22
C GLY A 136 3.49 16.64 -4.49
N GLU A 137 4.61 17.37 -4.33
CA GLU A 137 5.44 17.60 -5.49
C GLU A 137 6.00 16.27 -6.00
N ALA A 138 6.61 15.45 -5.11
CA ALA A 138 7.10 14.14 -5.57
C ALA A 138 6.00 13.30 -6.22
N ALA A 139 4.76 13.36 -5.69
CA ALA A 139 3.69 12.50 -6.21
C ALA A 139 3.28 12.87 -7.65
N SER A 140 3.85 13.94 -8.22
CA SER A 140 3.57 14.29 -9.60
C SER A 140 4.65 13.83 -10.58
N ALA A 141 5.77 13.26 -10.10
CA ALA A 141 6.94 13.06 -10.95
C ALA A 141 7.22 11.56 -11.11
N PRO A 142 7.71 11.07 -12.28
CA PRO A 142 7.87 9.63 -12.50
C PRO A 142 8.77 8.96 -11.46
N ASP A 143 9.74 9.73 -10.95
CA ASP A 143 10.70 9.15 -10.04
C ASP A 143 10.39 9.61 -8.62
N GLY A 144 9.15 10.08 -8.36
CA GLY A 144 8.82 10.74 -7.11
C GLY A 144 8.59 9.82 -5.91
N LEU A 145 7.97 8.66 -6.15
CA LEU A 145 7.51 7.81 -5.05
C LEU A 145 8.02 6.38 -5.21
N ALA A 146 8.10 5.68 -4.07
CA ALA A 146 8.44 4.27 -4.01
C ALA A 146 7.43 3.68 -3.02
N VAL A 147 6.56 2.79 -3.51
CA VAL A 147 5.58 2.12 -2.64
C VAL A 147 5.97 0.65 -2.52
N VAL A 148 6.17 0.21 -1.25
CA VAL A 148 6.44 -1.18 -0.98
C VAL A 148 5.13 -1.83 -0.62
N GLY A 149 4.81 -2.87 -1.35
CA GLY A 149 3.58 -3.61 -1.18
C GLY A 149 3.86 -4.92 -0.44
N VAL A 150 3.10 -5.18 0.61
CA VAL A 150 3.20 -6.44 1.36
C VAL A 150 1.84 -7.13 1.35
N PHE A 151 1.80 -8.37 0.83
CA PHE A 151 0.54 -9.11 0.94
C PHE A 151 0.28 -9.61 2.38
N LEU A 152 -1.02 -9.65 2.79
CA LEU A 152 -1.39 -10.26 4.06
C LEU A 152 -2.28 -11.47 3.78
N GLU A 153 -1.97 -12.58 4.45
CA GLU A 153 -2.85 -13.74 4.34
C GLU A 153 -3.39 -14.00 5.74
N THR A 154 -4.47 -14.78 5.86
CA THR A 154 -4.93 -15.06 7.22
C THR A 154 -4.36 -16.40 7.64
N GLY A 155 -4.00 -16.47 8.91
CA GLY A 155 -3.38 -17.64 9.52
C GLY A 155 -3.24 -17.35 10.99
N ASP A 156 -2.01 -17.55 11.51
CA ASP A 156 -1.71 -17.28 12.90
C ASP A 156 -1.73 -15.77 13.15
N GLU A 157 -2.09 -15.43 14.38
CA GLU A 157 -2.16 -14.08 14.87
C GLU A 157 -0.77 -13.45 14.82
N HIS A 158 -0.73 -12.20 14.37
CA HIS A 158 0.50 -11.44 14.25
C HIS A 158 0.63 -10.61 15.51
N PRO A 159 1.61 -10.86 16.41
CA PRO A 159 1.70 -10.11 17.68
C PRO A 159 1.83 -8.59 17.55
N SER A 160 2.69 -8.12 16.66
CA SER A 160 2.85 -6.68 16.50
C SER A 160 1.58 -6.03 15.97
N MET A 161 0.87 -6.78 15.10
CA MET A 161 -0.37 -6.28 14.50
C MET A 161 -1.40 -5.91 15.58
N ASN A 162 -1.42 -6.62 16.72
CA ASN A 162 -2.39 -6.36 17.79
C ASN A 162 -2.48 -4.89 18.17
N ARG A 163 -1.32 -4.22 18.29
CA ARG A 163 -1.24 -2.81 18.63
C ARG A 163 -2.07 -2.00 17.64
N LEU A 164 -1.97 -2.36 16.36
CA LEU A 164 -2.68 -1.62 15.35
C LEU A 164 -4.17 -2.03 15.30
N THR A 165 -4.43 -3.35 15.32
CA THR A 165 -5.84 -3.74 15.26
C THR A 165 -6.60 -3.28 16.51
N ASP A 166 -5.93 -3.23 17.69
CA ASP A 166 -6.59 -2.73 18.89
C ASP A 166 -6.90 -1.25 18.80
N ALA A 167 -6.10 -0.51 18.02
CA ALA A 167 -6.31 0.91 17.80
C ALA A 167 -7.48 1.24 16.87
N LEU A 168 -8.05 0.28 16.12
CA LEU A 168 -9.02 0.62 15.08
C LEU A 168 -10.38 1.06 15.62
N TYR A 169 -10.73 0.62 16.84
CA TYR A 169 -12.04 0.96 17.37
C TYR A 169 -12.23 2.48 17.38
N MET A 170 -11.20 3.18 17.84
CA MET A 170 -11.28 4.60 18.08
C MET A 170 -11.24 5.37 16.77
N VAL A 171 -10.91 4.68 15.66
CA VAL A 171 -10.97 5.40 14.40
C VAL A 171 -11.99 4.73 13.50
N ARG A 172 -13.06 4.14 14.06
CA ARG A 172 -14.00 3.44 13.19
C ARG A 172 -14.73 4.38 12.21
N PHE A 173 -15.08 5.58 12.68
CA PHE A 173 -15.80 6.51 11.82
C PHE A 173 -14.86 7.30 10.90
N LYS A 174 -15.32 7.58 9.66
CA LYS A 174 -14.54 8.41 8.75
C LYS A 174 -14.16 9.73 9.36
N GLY A 175 -12.90 10.15 9.16
CA GLY A 175 -12.44 11.47 9.57
C GLY A 175 -11.95 11.56 11.02
N THR A 176 -11.74 10.42 11.69
CA THR A 176 -11.24 10.42 13.04
C THR A 176 -9.76 10.01 13.04
N LYS A 177 -9.05 10.47 14.06
CA LYS A 177 -7.65 10.04 14.20
C LYS A 177 -7.28 9.90 15.67
N ALA A 178 -6.25 9.09 15.93
CA ALA A 178 -5.69 8.94 17.26
C ALA A 178 -4.16 8.97 17.17
N GLN A 179 -3.53 9.31 18.29
CA GLN A 179 -2.07 9.28 18.40
C GLN A 179 -1.64 7.83 18.30
N PHE A 180 -0.52 7.58 17.63
CA PHE A 180 -0.04 6.21 17.45
C PHE A 180 1.49 6.26 17.49
N SER A 181 2.07 6.18 18.70
CA SER A 181 3.51 6.37 18.85
C SER A 181 4.27 5.06 18.99
N CYS A 182 5.52 5.09 18.52
CA CYS A 182 6.47 4.00 18.64
C CYS A 182 5.93 2.74 17.99
N PHE A 183 5.35 2.87 16.80
CA PHE A 183 4.98 1.68 16.08
C PHE A 183 5.99 1.56 14.96
N ASN A 184 6.74 0.44 14.96
CA ASN A 184 7.85 0.28 14.02
C ASN A 184 7.29 -0.49 12.83
N PRO A 185 7.19 0.12 11.63
CA PRO A 185 6.66 -0.60 10.47
C PRO A 185 7.53 -1.79 10.05
N LYS A 186 8.77 -1.89 10.55
CA LYS A 186 9.58 -3.08 10.26
C LYS A 186 8.83 -4.30 10.80
N SER A 187 7.99 -4.11 11.82
CA SER A 187 7.33 -5.29 12.41
C SER A 187 6.28 -5.88 11.47
N LEU A 188 5.91 -5.17 10.38
CA LEU A 188 4.93 -5.69 9.42
C LEU A 188 5.63 -6.28 8.18
N LEU A 189 6.94 -6.57 8.24
CA LEU A 189 7.62 -7.03 7.03
C LEU A 189 7.86 -8.52 7.14
N PRO A 190 7.90 -9.26 6.01
CA PRO A 190 8.22 -10.70 6.05
C PRO A 190 9.73 -10.92 6.24
N ALA A 191 10.19 -12.16 6.52
CA ALA A 191 11.63 -12.33 6.70
C ALA A 191 12.43 -12.31 5.38
N SER A 192 11.76 -12.45 4.24
CA SER A 192 12.38 -12.31 2.91
C SER A 192 12.30 -10.88 2.36
N ARG A 193 13.35 -10.41 1.65
CA ARG A 193 13.39 -9.14 0.97
C ARG A 193 13.32 -9.35 -0.56
N HIS A 194 12.90 -10.54 -1.01
CA HIS A 194 12.70 -10.74 -2.45
C HIS A 194 11.47 -9.95 -2.91
N TYR A 195 11.50 -9.51 -4.17
CA TYR A 195 10.42 -8.63 -4.57
C TYR A 195 10.29 -8.69 -6.09
N TRP A 196 9.18 -8.10 -6.56
CA TRP A 196 8.95 -7.73 -7.95
C TRP A 196 8.93 -6.21 -8.00
N THR A 197 9.39 -5.62 -9.10
CA THR A 197 9.35 -4.17 -9.26
C THR A 197 8.92 -3.81 -10.68
N TYR A 198 8.05 -2.78 -10.76
CA TYR A 198 7.65 -2.25 -12.05
C TYR A 198 7.36 -0.76 -11.89
N PRO A 199 7.44 0.03 -12.99
CA PRO A 199 6.97 1.42 -12.95
C PRO A 199 5.44 1.53 -13.04
N GLY A 200 4.81 2.24 -12.07
CA GLY A 200 3.35 2.28 -12.03
C GLY A 200 2.82 3.61 -11.47
N SER A 201 1.68 3.55 -10.78
CA SER A 201 0.90 4.72 -10.40
C SER A 201 0.40 4.59 -8.98
N LEU A 202 -0.18 5.70 -8.46
CA LEU A 202 -0.97 5.66 -7.25
C LEU A 202 -2.20 4.81 -7.63
N THR A 203 -2.73 4.07 -6.66
CA THR A 203 -3.88 3.21 -6.92
C THR A 203 -5.17 3.89 -6.48
N THR A 204 -5.09 5.15 -5.97
CA THR A 204 -6.28 5.96 -5.73
C THR A 204 -6.08 7.32 -6.39
N PRO A 205 -7.14 8.05 -6.77
CA PRO A 205 -6.95 9.39 -7.36
C PRO A 205 -6.00 10.25 -6.56
N PRO A 206 -5.12 11.06 -7.19
CA PRO A 206 -5.16 11.28 -8.64
C PRO A 206 -4.53 10.29 -9.62
N LEU A 207 -4.12 9.09 -9.12
CA LEU A 207 -3.68 8.00 -10.00
C LEU A 207 -2.43 8.36 -10.81
N SER A 208 -1.64 9.32 -10.30
CA SER A 208 -0.45 9.82 -10.98
C SER A 208 0.56 8.70 -11.18
N GLU A 209 1.19 8.68 -12.36
CA GLU A 209 2.19 7.66 -12.70
C GLU A 209 3.55 8.05 -12.16
N SER A 210 3.67 8.03 -10.82
CA SER A 210 4.83 8.57 -10.13
C SER A 210 5.43 7.50 -9.22
N VAL A 211 5.03 6.22 -9.36
CA VAL A 211 5.44 5.26 -8.33
C VAL A 211 6.34 4.15 -8.89
N THR A 212 7.49 3.92 -8.20
CA THR A 212 8.25 2.69 -8.39
C THR A 212 7.67 1.69 -7.40
N TRP A 213 6.97 0.66 -7.92
CA TRP A 213 6.32 -0.38 -7.15
C TRP A 213 7.35 -1.45 -6.77
N ILE A 214 7.36 -1.81 -5.48
CA ILE A 214 8.20 -2.86 -4.96
C ILE A 214 7.26 -3.79 -4.19
N VAL A 215 6.86 -4.88 -4.84
CA VAL A 215 5.93 -5.79 -4.20
C VAL A 215 6.73 -6.97 -3.65
N LEU A 216 6.65 -7.16 -2.33
CA LEU A 216 7.44 -8.23 -1.72
C LEU A 216 6.81 -9.57 -2.08
N ARG A 217 7.70 -10.51 -2.40
CA ARG A 217 7.30 -11.85 -2.76
C ARG A 217 6.60 -12.55 -1.58
N GLU A 218 7.09 -12.39 -0.35
CA GLU A 218 6.54 -13.20 0.74
C GLU A 218 5.47 -12.44 1.54
N PRO A 219 4.29 -13.05 1.75
CA PRO A 219 3.25 -12.41 2.55
C PRO A 219 3.50 -12.56 4.04
N ILE A 220 2.91 -11.67 4.83
CA ILE A 220 2.84 -11.86 6.26
C ILE A 220 1.46 -12.44 6.57
N SER A 221 1.33 -12.89 7.80
CA SER A 221 0.09 -13.53 8.16
C SER A 221 -0.50 -12.81 9.37
N ILE A 222 -1.81 -12.62 9.35
CA ILE A 222 -2.49 -12.10 10.54
C ILE A 222 -3.69 -13.03 10.78
N SER A 223 -4.25 -13.04 12.00
CA SER A 223 -5.40 -13.90 12.25
C SER A 223 -6.69 -13.33 11.63
N GLU A 224 -7.68 -14.21 11.47
CA GLU A 224 -9.03 -13.83 11.09
C GLU A 224 -9.57 -12.75 12.02
N ARG A 225 -9.42 -12.90 13.36
CA ARG A 225 -9.87 -11.87 14.29
C ARG A 225 -9.24 -10.52 13.92
N GLN A 226 -7.92 -10.52 13.70
CA GLN A 226 -7.24 -9.29 13.30
C GLN A 226 -7.80 -8.78 11.97
N MET A 227 -7.95 -9.63 10.95
CA MET A 227 -8.55 -9.17 9.70
C MET A 227 -9.94 -8.57 9.94
N GLY A 228 -10.74 -9.18 10.81
CA GLY A 228 -12.07 -8.70 11.15
C GLY A 228 -12.06 -7.29 11.74
N LYS A 229 -11.02 -6.92 12.51
CA LYS A 229 -10.99 -5.55 13.01
C LYS A 229 -10.95 -4.53 11.86
N PHE A 230 -10.24 -4.83 10.76
CA PHE A 230 -10.26 -3.89 9.64
C PHE A 230 -11.66 -3.80 9.04
N ARG A 231 -12.35 -4.93 8.88
CA ARG A 231 -13.72 -4.92 8.36
C ARG A 231 -14.70 -4.14 9.24
N SER A 232 -14.34 -3.86 10.50
CA SER A 232 -15.23 -3.16 11.43
C SER A 232 -15.11 -1.64 11.26
N LEU A 233 -14.09 -1.17 10.52
CA LEU A 233 -14.04 0.24 10.15
C LEU A 233 -15.21 0.59 9.22
N LEU A 234 -15.52 1.89 9.14
CA LEU A 234 -16.63 2.32 8.28
C LEU A 234 -16.12 3.32 7.25
N PHE A 235 -16.76 3.34 6.08
CA PHE A 235 -16.51 4.40 5.11
C PHE A 235 -17.21 5.70 5.54
N THR A 236 -18.14 5.59 6.50
CA THR A 236 -19.07 6.67 6.83
C THR A 236 -18.73 7.33 8.17
N SER A 237 -19.24 8.56 8.34
CA SER A 237 -18.96 9.35 9.52
C SER A 237 -19.96 9.07 10.64
N GLU A 238 -19.72 9.70 11.79
CA GLU A 238 -20.46 9.31 12.98
C GLU A 238 -21.99 9.42 12.82
N ASP A 239 -22.49 10.38 12.02
CA ASP A 239 -23.93 10.58 11.96
C ASP A 239 -24.57 10.04 10.69
N ASP A 240 -23.87 9.18 9.94
CA ASP A 240 -24.48 8.62 8.74
C ASP A 240 -24.86 7.17 9.00
N GLU A 241 -25.72 6.66 8.11
CA GLU A 241 -25.99 5.24 8.04
C GLU A 241 -24.64 4.56 7.91
N ARG A 242 -24.42 3.49 8.66
CA ARG A 242 -23.16 2.77 8.65
C ARG A 242 -22.97 2.08 7.32
N ILE A 243 -21.82 2.33 6.66
CA ILE A 243 -21.40 1.46 5.55
C ILE A 243 -19.97 0.98 5.88
N HIS A 244 -19.77 -0.34 6.03
CA HIS A 244 -18.47 -0.88 6.37
C HIS A 244 -17.42 -0.61 5.30
N MET A 245 -16.22 -0.24 5.77
CA MET A 245 -15.09 -0.07 4.88
C MET A 245 -14.56 -1.46 4.55
N VAL A 246 -14.93 -1.98 3.36
CA VAL A 246 -14.47 -3.26 2.82
C VAL A 246 -14.40 -3.10 1.31
N ASN A 247 -13.64 -3.97 0.62
CA ASN A 247 -13.48 -3.93 -0.83
C ASN A 247 -12.90 -2.58 -1.27
N ASN A 248 -11.98 -2.02 -0.46
CA ASN A 248 -11.37 -0.73 -0.75
C ASN A 248 -10.10 -0.96 -1.56
N PHE A 249 -10.26 -1.67 -2.68
CA PHE A 249 -9.11 -1.97 -3.53
C PHE A 249 -9.46 -1.67 -5.00
N ARG A 250 -8.46 -1.27 -5.78
CA ARG A 250 -8.58 -1.11 -7.22
C ARG A 250 -8.07 -2.39 -7.84
N PRO A 251 -8.79 -2.98 -8.83
CA PRO A 251 -8.31 -4.21 -9.49
C PRO A 251 -7.15 -4.04 -10.47
N PRO A 252 -6.57 -5.16 -10.98
CA PRO A 252 -5.46 -5.11 -11.94
C PRO A 252 -5.73 -4.29 -13.19
N GLN A 253 -4.73 -3.52 -13.62
CA GLN A 253 -4.86 -2.65 -14.76
C GLN A 253 -3.95 -3.19 -15.85
N PRO A 254 -4.13 -2.74 -17.12
CA PRO A 254 -3.34 -3.30 -18.22
C PRO A 254 -1.85 -3.03 -18.12
N LEU A 255 -1.05 -4.05 -18.45
CA LEU A 255 0.40 -3.99 -18.32
C LEU A 255 1.00 -3.04 -19.37
N LYS A 256 0.45 -3.05 -20.61
CA LYS A 256 0.82 -2.10 -21.65
C LYS A 256 2.32 -2.19 -21.96
N GLY A 257 2.81 -3.44 -21.98
CA GLY A 257 4.15 -3.80 -22.37
C GLY A 257 5.21 -3.40 -21.36
N ARG A 258 4.81 -3.02 -20.13
CA ARG A 258 5.80 -2.74 -19.09
C ARG A 258 6.53 -4.03 -18.72
N VAL A 259 7.79 -3.90 -18.27
CA VAL A 259 8.57 -5.06 -17.84
C VAL A 259 8.48 -5.18 -16.31
N VAL A 260 8.09 -6.35 -15.80
CA VAL A 260 8.15 -6.62 -14.36
C VAL A 260 9.49 -7.32 -14.12
N LYS A 261 10.37 -6.75 -13.29
CA LYS A 261 11.59 -7.42 -12.88
C LYS A 261 11.37 -8.12 -11.54
N ALA A 262 12.19 -9.15 -11.29
CA ALA A 262 12.17 -9.91 -10.04
C ALA A 262 13.58 -9.98 -9.49
N SER A 263 13.72 -9.94 -8.15
CA SER A 263 15.01 -10.00 -7.49
C SER A 263 15.44 -11.47 -7.34
N PHE A 264 14.62 -12.42 -7.79
CA PHE A 264 14.85 -13.84 -7.58
C PHE A 264 14.33 -14.62 -8.79
N ARG A 265 14.75 -15.91 -8.91
CA ARG A 265 14.25 -16.82 -9.94
C ARG A 265 13.08 -17.64 -9.41
N ALA A 266 12.00 -17.73 -10.19
CA ALA A 266 10.69 -18.26 -9.79
C ALA A 266 10.61 -19.79 -9.87
ZN ZN B . -2.51 1.81 -1.31
C1 L8N C . -1.15 5.61 -2.83
N1 L8N C . -2.49 3.25 -2.69
O1 L8N C . -0.13 3.37 -2.09
C2 L8N C . -0.20 6.23 -2.05
O2 L8N C . -0.85 3.63 -4.43
C3 L8N C . -0.24 7.60 -1.87
O3 L8N C . -1.23 9.72 -2.28
C4 L8N C . -1.21 8.34 -2.47
C5 L8N C . -2.19 7.72 -3.27
C6 L8N C . -2.15 6.35 -3.45
C7 L8N C . -1.84 12.25 -1.71
C8 L8N C . -1.63 13.14 -0.67
C9 L8N C . -1.32 14.46 -0.95
C10 L8N C . -1.22 14.90 -2.26
C11 L8N C . -1.43 14.02 -3.30
C12 L8N C . -1.74 12.70 -3.03
S1 L8N C . -1.08 3.87 -3.05
P1 L8N C . -2.24 10.53 -1.38
O5 L8N C . -1.97 10.29 0.09
O4 L8N C . -3.66 10.27 -1.80
#